data_3RWM
#
_entry.id   3RWM
#
_cell.length_a   47.090
_cell.length_b   49.890
_cell.length_c   90.660
_cell.angle_alpha   90.00
_cell.angle_beta   90.00
_cell.angle_gamma   90.00
#
_symmetry.space_group_name_H-M   'P 21 21 21'
#
loop_
_entity.id
_entity.type
_entity.pdbx_description
1 polymer 'GTP-binding protein YPT32/YPT11'
2 non-polymer 'PHOSPHOAMINOPHOSPHONIC ACID-GUANYLATE ESTER'
3 non-polymer 'MAGNESIUM ION'
4 water water
#
_entity_poly.entity_id   1
_entity_poly.type   'polypeptide(L)'
_entity_poly.pdbx_seq_one_letter_code
;GAMGYDYDYLFKIVLIGDSGVGKSNLLSRFTTDEFNIESKSTIGVEFATRTIEVENKKIKAQIWDTAGLERYRAITSAYY
RGAVGALIVYDISKSSSYENCNHWLTELRENADDNVAVGLIGNKSDLAHLRAVPTDEAKNFAMENQMLFTETSALNSDNV
DKAFRELIVAIFQMVSKHQVDLSGS
;
_entity_poly.pdbx_strand_id   B
#
loop_
_chem_comp.id
_chem_comp.type
_chem_comp.name
_chem_comp.formula
GNP non-polymer 'PHOSPHOAMINOPHOSPHONIC ACID-GUANYLATE ESTER' 'C10 H17 N6 O13 P3'
MG non-polymer 'MAGNESIUM ION' 'Mg 2'
#
# COMPACT_ATOMS: atom_id res chain seq x y z
N MET A 3 -9.13 -21.72 -6.66
CA MET A 3 -8.67 -23.13 -6.71
C MET A 3 -7.65 -23.36 -7.82
N GLY A 4 -6.86 -24.43 -7.68
CA GLY A 4 -5.70 -24.67 -8.54
C GLY A 4 -4.40 -24.22 -7.89
N TYR A 5 -4.50 -23.23 -7.00
CA TYR A 5 -3.34 -22.64 -6.33
C TYR A 5 -3.25 -22.98 -4.85
N ASP A 6 -2.10 -23.49 -4.44
CA ASP A 6 -1.87 -23.78 -3.03
CA ASP A 6 -1.84 -23.80 -3.04
C ASP A 6 -1.30 -22.54 -2.36
N TYR A 7 -2.06 -22.00 -1.41
CA TYR A 7 -1.58 -20.88 -0.62
C TYR A 7 -2.07 -21.14 0.78
N ASP A 8 -1.40 -20.55 1.76
CA ASP A 8 -1.77 -20.70 3.14
C ASP A 8 -2.59 -19.50 3.62
N TYR A 9 -2.32 -18.34 3.06
CA TYR A 9 -3.01 -17.09 3.42
C TYR A 9 -3.38 -16.26 2.19
N LEU A 10 -4.50 -15.54 2.30
CA LEU A 10 -4.86 -14.52 1.34
C LEU A 10 -5.07 -13.22 2.09
N PHE A 11 -4.24 -12.22 1.77
CA PHE A 11 -4.34 -10.89 2.40
C PHE A 11 -4.81 -9.87 1.37
N LYS A 12 -5.99 -9.29 1.62
CA LYS A 12 -6.45 -8.14 0.85
C LYS A 12 -5.76 -6.89 1.38
N ILE A 13 -5.10 -6.17 0.47
CA ILE A 13 -4.40 -4.94 0.82
C ILE A 13 -4.87 -3.81 -0.10
N VAL A 14 -5.16 -2.64 0.49
CA VAL A 14 -5.65 -1.47 -0.27
C VAL A 14 -4.59 -0.36 -0.40
N LEU A 15 -4.53 0.26 -1.58
CA LEU A 15 -3.72 1.47 -1.77
C LEU A 15 -4.60 2.72 -1.67
N ILE A 16 -4.16 3.68 -0.86
CA ILE A 16 -4.83 4.97 -0.73
C ILE A 16 -3.80 6.11 -0.81
N GLY A 17 -4.23 7.28 -1.30
CA GLY A 17 -3.32 8.42 -1.49
C GLY A 17 -3.79 9.28 -2.64
N ASP A 18 -3.32 10.52 -2.69
CA ASP A 18 -3.76 11.50 -3.68
C ASP A 18 -3.66 10.99 -5.12
N SER A 19 -4.55 11.47 -5.98
CA SER A 19 -4.46 11.16 -7.39
CA SER A 19 -4.45 11.15 -7.38
C SER A 19 -3.09 11.61 -7.91
N GLY A 20 -2.43 10.75 -8.67
CA GLY A 20 -1.15 11.12 -9.27
C GLY A 20 0.10 10.60 -8.58
N VAL A 21 -0.02 10.15 -7.32
CA VAL A 21 1.17 9.75 -6.53
C VAL A 21 1.84 8.47 -7.04
N GLY A 22 1.05 7.61 -7.69
CA GLY A 22 1.61 6.42 -8.33
C GLY A 22 1.07 5.09 -7.81
N LYS A 23 -0.13 5.12 -7.21
CA LYS A 23 -0.73 3.90 -6.65
C LYS A 23 -0.83 2.77 -7.67
N SER A 24 -1.38 3.08 -8.85
CA SER A 24 -1.59 2.09 -9.90
C SER A 24 -0.30 1.52 -10.45
N ASN A 25 0.72 2.36 -10.57
CA ASN A 25 2.05 1.87 -10.97
C ASN A 25 2.75 1.03 -9.92
N LEU A 26 2.51 1.37 -8.66
CA LEU A 26 2.96 0.51 -7.56
C LEU A 26 2.30 -0.85 -7.66
N LEU A 27 0.97 -0.85 -7.87
CA LEU A 27 0.22 -2.09 -8.05
C LEU A 27 0.80 -2.86 -9.23
N SER A 28 0.85 -2.21 -10.40
CA SER A 28 1.31 -2.91 -11.60
C SER A 28 2.78 -3.38 -11.50
N ARG A 29 3.64 -2.56 -10.91
CA ARG A 29 5.04 -2.96 -10.75
C ARG A 29 5.14 -4.18 -9.83
N PHE A 30 4.48 -4.10 -8.66
CA PHE A 30 4.54 -5.21 -7.71
C PHE A 30 3.97 -6.52 -8.26
N THR A 31 2.76 -6.46 -8.84
CA THR A 31 2.04 -7.69 -9.27
C THR A 31 2.41 -8.22 -10.65
N THR A 32 2.69 -7.34 -11.62
CA THR A 32 3.01 -7.83 -12.96
C THR A 32 4.27 -7.22 -13.57
N ASP A 33 5.07 -6.55 -12.73
CA ASP A 33 6.34 -5.94 -13.14
C ASP A 33 6.21 -5.03 -14.36
N GLU A 34 5.15 -4.23 -14.36
CA GLU A 34 4.91 -3.31 -15.45
C GLU A 34 4.79 -1.92 -14.88
N PHE A 35 5.18 -0.95 -15.70
CA PHE A 35 5.11 0.46 -15.37
C PHE A 35 4.61 1.14 -16.64
N ASN A 36 3.86 2.24 -16.48
CA ASN A 36 3.42 3.03 -17.62
C ASN A 36 3.48 4.51 -17.31
N ILE A 37 4.43 5.21 -17.92
CA ILE A 37 4.65 6.64 -17.72
C ILE A 37 3.43 7.51 -18.10
N GLU A 38 2.57 6.96 -18.96
CA GLU A 38 1.40 7.67 -19.43
C GLU A 38 0.09 7.15 -18.84
N SER A 39 0.16 6.49 -17.69
CA SER A 39 -1.05 6.03 -17.03
C SER A 39 -1.93 7.21 -16.63
N LYS A 40 -3.25 7.00 -16.69
CA LYS A 40 -4.21 8.03 -16.33
C LYS A 40 -4.93 7.62 -15.04
N SER A 41 -5.74 8.55 -14.53
CA SER A 41 -6.56 8.33 -13.33
C SER A 41 -7.40 7.06 -13.47
N THR A 42 -7.40 6.26 -12.40
CA THR A 42 -8.04 4.96 -12.37
C THR A 42 -9.57 5.06 -12.52
N ILE A 43 -10.11 4.17 -13.35
CA ILE A 43 -11.54 4.00 -13.53
C ILE A 43 -12.06 2.84 -12.67
N GLY A 44 -13.07 3.12 -11.84
CA GLY A 44 -13.63 2.14 -10.93
C GLY A 44 -12.63 1.64 -9.89
N VAL A 45 -12.71 0.34 -9.59
CA VAL A 45 -11.83 -0.34 -8.63
C VAL A 45 -11.21 -1.57 -9.29
N GLU A 46 -9.90 -1.74 -9.12
CA GLU A 46 -9.14 -2.86 -9.69
C GLU A 46 -8.34 -3.58 -8.59
N PHE A 47 -7.99 -4.84 -8.87
CA PHE A 47 -7.06 -5.58 -8.01
C PHE A 47 -6.20 -6.50 -8.86
N ALA A 48 -5.02 -6.79 -8.33
CA ALA A 48 -4.16 -7.84 -8.86
C ALA A 48 -3.50 -8.57 -7.69
N THR A 49 -2.89 -9.70 -8.00
CA THR A 49 -2.39 -10.58 -6.95
CA THR A 49 -2.42 -10.63 -6.98
C THR A 49 -0.98 -11.07 -7.25
N ARG A 50 -0.18 -11.15 -6.19
CA ARG A 50 1.12 -11.78 -6.25
C ARG A 50 1.27 -12.68 -5.02
N THR A 51 1.78 -13.89 -5.23
CA THR A 51 2.01 -14.82 -4.16
C THR A 51 3.48 -14.78 -3.74
N ILE A 52 3.70 -14.47 -2.47
CA ILE A 52 5.05 -14.45 -1.95
C ILE A 52 5.19 -15.49 -0.84
N GLU A 53 6.43 -15.73 -0.44
CA GLU A 53 6.75 -16.78 0.51
C GLU A 53 7.38 -16.15 1.73
N VAL A 54 6.85 -16.50 2.90
CA VAL A 54 7.31 -16.00 4.19
C VAL A 54 7.33 -17.17 5.17
N GLU A 55 8.48 -17.39 5.79
CA GLU A 55 8.69 -18.49 6.75
C GLU A 55 8.12 -19.81 6.18
N ASN A 56 8.36 -20.02 4.88
CA ASN A 56 7.96 -21.26 4.23
CA ASN A 56 7.94 -21.21 4.14
C ASN A 56 6.44 -21.44 4.06
N LYS A 57 5.70 -20.33 4.12
CA LYS A 57 4.26 -20.31 3.90
C LYS A 57 4.00 -19.43 2.68
N LYS A 58 3.01 -19.81 1.88
CA LYS A 58 2.65 -19.07 0.68
C LYS A 58 1.52 -18.11 0.99
N ILE A 59 1.78 -16.83 0.77
CA ILE A 59 0.81 -15.78 1.02
C ILE A 59 0.40 -15.12 -0.29
N LYS A 60 -0.89 -15.19 -0.58
CA LYS A 60 -1.50 -14.57 -1.73
C LYS A 60 -1.83 -13.13 -1.33
N ALA A 61 -1.14 -12.16 -1.95
CA ALA A 61 -1.34 -10.76 -1.64
C ALA A 61 -2.22 -10.14 -2.71
N GLN A 62 -3.48 -9.92 -2.37
CA GLN A 62 -4.45 -9.32 -3.26
C GLN A 62 -4.50 -7.81 -3.01
N ILE A 63 -3.95 -7.04 -3.96
CA ILE A 63 -3.76 -5.61 -3.81
C ILE A 63 -4.84 -4.86 -4.58
N TRP A 64 -5.59 -4.00 -3.87
CA TRP A 64 -6.70 -3.26 -4.44
C TRP A 64 -6.28 -1.81 -4.76
N ASP A 65 -6.91 -1.24 -5.78
CA ASP A 65 -6.56 0.07 -6.29
C ASP A 65 -7.81 0.79 -6.75
N THR A 66 -7.85 2.10 -6.50
CA THR A 66 -8.89 2.99 -6.98
C THR A 66 -8.36 4.43 -6.99
N ALA A 67 -8.96 5.31 -7.78
CA ALA A 67 -8.46 6.69 -7.88
C ALA A 67 -8.52 7.40 -6.52
N GLY A 68 -7.44 8.13 -6.20
CA GLY A 68 -7.38 8.93 -4.96
C GLY A 68 -8.26 10.17 -5.06
N LEU A 69 -9.56 9.93 -5.20
CA LEU A 69 -10.53 11.01 -5.41
C LEU A 69 -11.79 10.70 -4.61
N GLU A 70 -12.56 11.75 -4.33
CA GLU A 70 -13.87 11.60 -3.66
C GLU A 70 -14.78 10.61 -4.39
N ARG A 71 -15.49 9.78 -3.63
CA ARG A 71 -16.39 8.77 -4.19
C ARG A 71 -17.55 8.52 -3.22
N TYR A 72 -18.48 7.71 -3.61
CA TYR A 72 -19.60 7.51 -2.73
C TYR A 72 -19.26 6.58 -1.56
N ARG A 73 -20.12 6.59 -0.59
CA ARG A 73 -19.90 5.78 0.63
C ARG A 73 -19.91 4.27 0.35
N ALA A 74 -20.82 3.84 -0.53
CA ALA A 74 -20.96 2.42 -0.86
C ALA A 74 -19.71 1.88 -1.55
N ILE A 75 -19.12 2.68 -2.44
CA ILE A 75 -17.90 2.25 -3.11
C ILE A 75 -16.73 2.17 -2.11
N THR A 76 -16.55 3.22 -1.32
CA THR A 76 -15.47 3.22 -0.32
CA THR A 76 -15.51 3.27 -0.28
C THR A 76 -15.60 2.11 0.73
N SER A 77 -16.83 1.73 1.09
CA SER A 77 -17.04 0.66 2.07
CA SER A 77 -17.04 0.66 2.06
C SER A 77 -16.68 -0.71 1.48
N ALA A 78 -17.07 -0.95 0.23
CA ALA A 78 -16.71 -2.17 -0.49
C ALA A 78 -15.18 -2.31 -0.66
N TYR A 79 -14.55 -1.18 -1.00
CA TYR A 79 -13.10 -1.09 -1.17
C TYR A 79 -12.34 -1.59 0.07
N TYR A 80 -12.65 -1.01 1.23
CA TYR A 80 -11.98 -1.35 2.49
C TYR A 80 -12.39 -2.70 3.08
N ARG A 81 -13.62 -3.14 2.78
CA ARG A 81 -14.16 -4.38 3.36
C ARG A 81 -13.22 -5.58 3.21
N GLY A 82 -12.89 -6.21 4.33
CA GLY A 82 -12.04 -7.41 4.32
C GLY A 82 -10.54 -7.16 4.25
N ALA A 83 -10.15 -5.91 4.00
CA ALA A 83 -8.73 -5.57 3.90
C ALA A 83 -8.04 -5.72 5.26
N VAL A 84 -6.88 -6.38 5.26
CA VAL A 84 -6.08 -6.59 6.47
C VAL A 84 -4.81 -5.74 6.46
N GLY A 85 -4.60 -5.02 5.36
CA GLY A 85 -3.45 -4.13 5.22
C GLY A 85 -3.83 -2.94 4.35
N ALA A 86 -3.16 -1.81 4.59
CA ALA A 86 -3.30 -0.62 3.75
C ALA A 86 -1.94 0.06 3.53
N LEU A 87 -1.75 0.58 2.33
CA LEU A 87 -0.59 1.43 2.07
C LEU A 87 -1.05 2.85 1.73
N ILE A 88 -0.56 3.84 2.50
CA ILE A 88 -0.87 5.26 2.27
C ILE A 88 0.29 5.82 1.46
N VAL A 89 -0.01 6.34 0.27
CA VAL A 89 1.03 6.70 -0.68
C VAL A 89 1.05 8.20 -0.95
N TYR A 90 2.24 8.79 -0.89
CA TYR A 90 2.46 10.16 -1.32
C TYR A 90 3.59 10.19 -2.35
N ASP A 91 3.84 11.36 -2.92
CA ASP A 91 4.83 11.57 -3.97
C ASP A 91 5.89 12.45 -3.34
N ILE A 92 7.13 11.93 -3.25
CA ILE A 92 8.22 12.64 -2.59
C ILE A 92 8.53 13.99 -3.25
N SER A 93 8.11 14.18 -4.51
CA SER A 93 8.28 15.46 -5.22
C SER A 93 7.13 16.45 -5.05
N LYS A 94 6.05 16.02 -4.39
CA LYS A 94 4.87 16.86 -4.24
C LYS A 94 4.41 16.92 -2.79
N SER A 95 4.82 17.98 -2.09
CA SER A 95 4.55 18.09 -0.64
C SER A 95 3.08 18.14 -0.24
N SER A 96 2.22 18.60 -1.14
CA SER A 96 0.78 18.61 -0.86
C SER A 96 0.24 17.19 -0.70
N SER A 97 0.76 16.26 -1.51
CA SER A 97 0.36 14.86 -1.39
C SER A 97 0.73 14.28 -0.02
N TYR A 98 1.92 14.62 0.47
CA TYR A 98 2.36 14.20 1.79
C TYR A 98 1.49 14.83 2.89
N GLU A 99 1.20 16.12 2.74
CA GLU A 99 0.37 16.81 3.71
C GLU A 99 -1.07 16.29 3.74
N ASN A 100 -1.50 15.61 2.68
CA ASN A 100 -2.84 15.04 2.63
CA ASN A 100 -2.84 15.04 2.63
C ASN A 100 -2.92 13.64 3.25
N CYS A 101 -1.77 13.11 3.69
CA CYS A 101 -1.73 11.78 4.30
C CYS A 101 -2.62 11.63 5.53
N ASN A 102 -2.74 12.71 6.28
CA ASN A 102 -3.62 12.73 7.45
C ASN A 102 -5.10 12.64 7.07
N HIS A 103 -5.45 13.18 5.91
CA HIS A 103 -6.77 12.95 5.32
C HIS A 103 -6.97 11.47 4.95
N TRP A 104 -5.93 10.81 4.44
CA TRP A 104 -6.08 9.40 4.08
C TRP A 104 -6.15 8.50 5.31
N LEU A 105 -5.35 8.84 6.33
CA LEU A 105 -5.44 8.19 7.64
C LEU A 105 -6.87 8.25 8.18
N THR A 106 -7.52 9.39 7.98
CA THR A 106 -8.90 9.59 8.44
C THR A 106 -9.89 8.68 7.71
N GLU A 107 -9.79 8.63 6.38
CA GLU A 107 -10.63 7.73 5.59
C GLU A 107 -10.46 6.27 6.03
N LEU A 108 -9.21 5.91 6.31
CA LEU A 108 -8.82 4.60 6.81
C LEU A 108 -9.52 4.30 8.14
N ARG A 109 -9.36 5.20 9.11
CA ARG A 109 -9.95 5.00 10.43
C ARG A 109 -11.48 4.93 10.32
N GLU A 110 -12.04 5.64 9.35
CA GLU A 110 -13.49 5.71 9.16
C GLU A 110 -14.08 4.47 8.47
N ASN A 111 -13.27 3.77 7.69
CA ASN A 111 -13.76 2.66 6.85
C ASN A 111 -13.13 1.28 7.13
N ALA A 112 -11.87 1.25 7.57
CA ALA A 112 -11.13 -0.01 7.69
C ALA A 112 -11.62 -0.89 8.84
N ASP A 113 -11.46 -2.20 8.67
CA ASP A 113 -11.68 -3.16 9.74
C ASP A 113 -10.71 -2.88 10.90
N ASP A 114 -11.07 -3.35 12.09
CA ASP A 114 -10.16 -3.35 13.23
C ASP A 114 -8.85 -4.05 12.89
N ASN A 115 -7.76 -3.52 13.45
CA ASN A 115 -6.44 -4.15 13.42
CA ASN A 115 -6.44 -4.18 13.42
C ASN A 115 -5.89 -4.45 12.02
N VAL A 116 -5.81 -3.40 11.21
CA VAL A 116 -5.20 -3.44 9.89
CA VAL A 116 -5.17 -3.48 9.90
C VAL A 116 -3.74 -2.99 10.03
N ALA A 117 -2.83 -3.62 9.28
CA ALA A 117 -1.44 -3.14 9.22
C ALA A 117 -1.36 -1.95 8.27
N VAL A 118 -0.68 -0.89 8.72
CA VAL A 118 -0.56 0.32 7.93
C VAL A 118 0.88 0.66 7.60
N GLY A 119 1.14 0.92 6.32
CA GLY A 119 2.45 1.37 5.85
C GLY A 119 2.32 2.68 5.10
N LEU A 120 3.36 3.50 5.19
CA LEU A 120 3.43 4.77 4.47
C LEU A 120 4.48 4.61 3.37
N ILE A 121 4.15 5.01 2.14
CA ILE A 121 5.09 4.96 1.04
C ILE A 121 5.31 6.32 0.43
N GLY A 122 6.58 6.72 0.37
CA GLY A 122 6.97 7.90 -0.41
C GLY A 122 7.45 7.41 -1.77
N ASN A 123 6.60 7.57 -2.78
CA ASN A 123 6.87 7.06 -4.11
C ASN A 123 7.55 8.10 -5.01
N LYS A 124 8.03 7.65 -6.16
CA LYS A 124 8.77 8.50 -7.11
C LYS A 124 10.12 8.95 -6.56
N SER A 125 10.79 8.07 -5.82
CA SER A 125 12.13 8.39 -5.29
C SER A 125 13.18 8.67 -6.39
N ASP A 126 12.86 8.30 -7.62
CA ASP A 126 13.72 8.60 -8.76
C ASP A 126 13.68 10.11 -9.08
N LEU A 127 12.71 10.81 -8.50
CA LEU A 127 12.61 12.26 -8.67
C LEU A 127 13.24 13.04 -7.50
N ALA A 128 14.29 12.49 -6.91
CA ALA A 128 14.93 13.14 -5.77
C ALA A 128 15.56 14.50 -6.10
N HIS A 129 15.85 14.75 -7.39
CA HIS A 129 16.26 16.08 -7.83
C HIS A 129 15.16 17.17 -7.66
N LEU A 130 13.92 16.72 -7.47
CA LEU A 130 12.80 17.61 -7.15
C LEU A 130 12.14 17.28 -5.81
N ARG A 131 12.93 16.70 -4.90
CA ARG A 131 12.43 16.31 -3.57
C ARG A 131 11.74 17.49 -2.86
N ALA A 132 10.50 17.26 -2.40
CA ALA A 132 9.73 18.25 -1.63
C ALA A 132 9.46 17.74 -0.22
N VAL A 133 9.66 16.45 0.00
CA VAL A 133 9.41 15.86 1.33
C VAL A 133 10.65 15.17 1.87
N PRO A 134 11.27 15.77 2.90
CA PRO A 134 12.44 15.17 3.55
C PRO A 134 12.12 13.80 4.12
N THR A 135 13.03 12.86 3.88
CA THR A 135 12.89 11.49 4.37
C THR A 135 12.74 11.41 5.90
N ASP A 136 13.57 12.14 6.63
CA ASP A 136 13.53 12.06 8.10
C ASP A 136 12.20 12.58 8.67
N GLU A 137 11.65 13.60 8.01
CA GLU A 137 10.33 14.11 8.37
C GLU A 137 9.25 13.05 8.17
N ALA A 138 9.24 12.42 6.98
CA ALA A 138 8.26 11.39 6.68
C ALA A 138 8.42 10.16 7.58
N LYS A 139 9.68 9.76 7.82
CA LYS A 139 10.00 8.61 8.66
C LYS A 139 9.45 8.81 10.07
N ASN A 140 9.66 10.02 10.60
CA ASN A 140 9.17 10.40 11.91
C ASN A 140 7.63 10.35 12.01
N PHE A 141 6.96 10.94 11.03
CA PHE A 141 5.50 10.85 10.90
C PHE A 141 4.97 9.40 10.92
N ALA A 142 5.67 8.50 10.23
CA ALA A 142 5.27 7.10 10.21
C ALA A 142 5.43 6.50 11.60
N MET A 143 6.58 6.74 12.23
CA MET A 143 6.86 6.24 13.57
CA MET A 143 6.85 6.24 13.57
C MET A 143 5.79 6.71 14.57
N GLU A 144 5.48 8.00 14.54
CA GLU A 144 4.46 8.59 15.42
C GLU A 144 3.10 7.93 15.26
N ASN A 145 2.81 7.43 14.06
CA ASN A 145 1.54 6.78 13.81
C ASN A 145 1.64 5.26 13.67
N GLN A 146 2.75 4.71 14.15
CA GLN A 146 3.02 3.26 14.14
C GLN A 146 2.82 2.62 12.75
N MET A 147 3.39 3.29 11.75
CA MET A 147 3.33 2.83 10.38
C MET A 147 4.70 2.37 9.92
N LEU A 148 4.71 1.34 9.08
CA LEU A 148 5.91 1.00 8.31
C LEU A 148 6.21 2.17 7.37
N PHE A 149 7.48 2.27 6.94
CA PHE A 149 7.86 3.37 6.07
C PHE A 149 8.86 2.91 5.02
N THR A 150 8.63 3.31 3.78
CA THR A 150 9.55 3.04 2.67
C THR A 150 9.45 4.17 1.65
N GLU A 151 10.59 4.55 1.06
CA GLU A 151 10.57 5.36 -0.16
C GLU A 151 10.76 4.43 -1.35
N THR A 152 9.93 4.60 -2.37
CA THR A 152 9.96 3.68 -3.51
C THR A 152 9.99 4.45 -4.83
N SER A 153 10.33 3.74 -5.90
CA SER A 153 10.10 4.22 -7.25
C SER A 153 9.48 3.08 -8.07
N ALA A 154 8.18 3.16 -8.35
CA ALA A 154 7.55 2.22 -9.32
C ALA A 154 8.26 2.27 -10.68
N LEU A 155 8.78 3.44 -11.02
CA LEU A 155 9.48 3.62 -12.29
C LEU A 155 10.74 2.76 -12.44
N ASN A 156 11.60 2.73 -11.42
CA ASN A 156 12.85 1.98 -11.55
C ASN A 156 12.90 0.68 -10.71
N SER A 157 11.81 0.45 -9.96
CA SER A 157 11.59 -0.77 -9.12
C SER A 157 12.16 -0.68 -7.71
N ASP A 158 12.85 0.42 -7.41
CA ASP A 158 13.53 0.61 -6.13
C ASP A 158 12.56 0.43 -4.96
N ASN A 159 12.86 -0.55 -4.10
CA ASN A 159 12.15 -0.80 -2.84
C ASN A 159 10.67 -1.15 -2.97
N VAL A 160 10.20 -1.47 -4.19
CA VAL A 160 8.78 -1.79 -4.33
C VAL A 160 8.46 -3.14 -3.68
N ASP A 161 9.25 -4.17 -3.98
CA ASP A 161 9.05 -5.47 -3.32
C ASP A 161 9.26 -5.32 -1.81
N LYS A 162 10.26 -4.52 -1.42
CA LYS A 162 10.56 -4.33 0.01
C LYS A 162 9.35 -3.77 0.73
N ALA A 163 8.75 -2.72 0.17
CA ALA A 163 7.58 -2.04 0.77
C ALA A 163 6.40 -2.99 0.96
N PHE A 164 6.09 -3.76 -0.07
CA PHE A 164 4.94 -4.68 0.01
C PHE A 164 5.27 -5.87 0.93
N ARG A 165 6.47 -6.43 0.79
CA ARG A 165 6.88 -7.58 1.57
C ARG A 165 6.84 -7.28 3.09
N GLU A 166 7.38 -6.13 3.47
CA GLU A 166 7.38 -5.68 4.86
C GLU A 166 5.99 -5.59 5.45
N LEU A 167 5.05 -5.03 4.69
CA LEU A 167 3.66 -5.02 5.12
C LEU A 167 3.11 -6.44 5.27
N ILE A 168 3.34 -7.26 4.25
CA ILE A 168 2.84 -8.64 4.25
C ILE A 168 3.41 -9.42 5.44
N VAL A 169 4.71 -9.25 5.69
CA VAL A 169 5.38 -9.94 6.77
C VAL A 169 4.78 -9.50 8.12
N ALA A 170 4.46 -8.21 8.22
CA ALA A 170 3.82 -7.66 9.42
C ALA A 170 2.45 -8.27 9.70
N ILE A 171 1.62 -8.39 8.67
CA ILE A 171 0.31 -9.04 8.81
C ILE A 171 0.50 -10.51 9.16
N PHE A 172 1.35 -11.21 8.40
CA PHE A 172 1.70 -12.59 8.70
C PHE A 172 2.11 -12.77 10.16
N GLN A 173 2.98 -11.89 10.66
CA GLN A 173 3.40 -11.95 12.06
C GLN A 173 2.19 -11.99 12.97
N MET A 174 1.30 -11.02 12.76
CA MET A 174 0.08 -10.88 13.56
C MET A 174 -0.81 -12.12 13.57
N VAL A 175 -1.11 -12.66 12.39
CA VAL A 175 -2.14 -13.69 12.25
C VAL A 175 -1.71 -15.17 12.39
N SER A 176 -0.44 -15.43 12.66
CA SER A 176 0.00 -16.82 12.85
C SER A 176 0.86 -17.03 14.10
N LYS A 177 0.96 -18.28 14.54
CA LYS A 177 1.85 -18.63 15.65
C LYS A 177 3.30 -18.79 15.18
N HIS A 178 4.24 -18.53 16.07
CA HIS A 178 5.66 -18.52 15.73
C HIS A 178 6.51 -19.27 16.73
N GLN A 179 7.59 -19.87 16.24
CA GLN A 179 8.53 -20.54 17.13
C GLN A 179 9.65 -19.60 17.59
N VAL A 180 10.04 -19.74 18.85
CA VAL A 180 11.13 -18.97 19.45
C VAL A 180 12.42 -19.81 19.51
N ASP A 181 13.52 -19.28 18.99
CA ASP A 181 14.81 -20.00 18.88
C ASP A 181 14.70 -21.29 18.06
PG GNP B . -5.13 7.90 -9.48
O1G GNP B . -5.78 8.98 -10.00
O2G GNP B . -5.60 6.73 -10.03
O3G GNP B . -5.42 7.91 -8.22
N3B GNP B . -3.53 8.07 -9.73
PB GNP B . -2.38 7.00 -9.32
O1B GNP B . -2.13 7.31 -8.05
O2B GNP B . -2.78 5.72 -9.66
O3A GNP B . -1.16 7.41 -10.07
PA GNP B . -0.42 6.70 -11.34
O1A GNP B . 0.12 5.49 -10.96
O2A GNP B . -1.31 6.65 -12.33
O5' GNP B . 0.77 7.55 -11.71
C5' GNP B . 0.70 8.86 -12.04
C4' GNP B . 1.86 9.39 -12.90
O4' GNP B . 3.02 9.33 -12.17
C3' GNP B . 1.98 8.57 -14.18
O3' GNP B . 2.42 9.37 -15.20
C2' GNP B . 2.99 7.56 -13.70
O2' GNP B . 3.72 7.02 -14.74
C1' GNP B . 3.85 8.43 -12.76
N9 GNP B . 4.60 7.67 -11.78
C8 GNP B . 4.18 6.71 -11.01
N7 GNP B . 5.15 6.28 -10.32
C5 GNP B . 6.21 6.90 -10.63
C6 GNP B . 7.52 6.84 -10.19
O6 GNP B . 7.92 6.07 -9.35
N1 GNP B . 8.41 7.70 -10.74
C2 GNP B . 8.01 8.58 -11.72
N2 GNP B . 8.89 9.41 -12.21
N3 GNP B . 6.75 8.63 -12.10
C4 GNP B . 5.87 7.82 -11.58
MG MG C . -4.46 5.01 -10.40
PG GNP D . 10.53 -24.81 -3.49
PG GNP D . 10.09 -24.66 -3.35
O1G GNP D . 9.68 -25.04 -2.29
O1G GNP D . 8.79 -24.01 -3.65
O2G GNP D . 11.09 -23.47 -3.66
O2G GNP D . 9.88 -25.03 -1.81
O3G GNP D . 10.42 -25.50 -4.97
O3G GNP D . 11.18 -23.76 -3.59
N3B GNP D . 9.20 -24.13 -4.08
N3B GNP D . 10.51 -25.95 -4.17
PB GNP D . 7.74 -23.89 -3.35
PB GNP D . 10.07 -25.77 -5.71
O1B GNP D . 6.93 -22.94 -4.03
O1B GNP D . 10.70 -26.61 -6.69
O2B GNP D . 7.19 -24.59 -2.23
O2B GNP D . 8.99 -24.89 -6.04
O3A GNP D . 7.14 -24.98 -4.41
O3A GNP D . 8.82 -26.78 -5.30
PA GNP D . 7.24 -26.56 -4.51
PA GNP D . 7.34 -26.59 -4.64
O1A GNP D . 8.52 -26.80 -5.03
O1A GNP D . 7.00 -27.28 -3.47
O2A GNP D . 6.77 -27.12 -3.32
O2A GNP D . 7.08 -25.21 -4.58
O5' GNP D . 6.28 -26.95 -5.69
O5' GNP D . 6.36 -27.01 -5.79
C5' GNP D . 6.18 -26.30 -6.90
C5' GNP D . 6.18 -26.27 -6.95
C4' GNP D . 4.79 -25.73 -7.08
C4' GNP D . 4.77 -25.72 -7.07
O4' GNP D . 3.85 -26.74 -7.30
O4' GNP D . 3.84 -26.74 -7.30
C3' GNP D . 4.28 -25.10 -5.81
C3' GNP D . 4.28 -25.10 -5.80
O3' GNP D . 4.81 -23.83 -5.65
O3' GNP D . 4.80 -23.83 -5.64
C2' GNP D . 2.81 -25.01 -6.13
C2' GNP D . 2.81 -25.02 -6.13
O2' GNP D . 2.51 -23.94 -6.99
O2' GNP D . 2.51 -23.94 -6.99
C1' GNP D . 2.62 -26.36 -6.83
C1' GNP D . 2.62 -26.37 -6.83
N9 GNP D . 2.08 -27.34 -5.91
N9 GNP D . 2.08 -27.34 -5.91
C8 GNP D . 2.75 -28.20 -5.20
C8 GNP D . 2.75 -28.20 -5.18
N7 GNP D . 1.94 -28.92 -4.46
N7 GNP D . 1.94 -28.92 -4.46
C5 GNP D . 0.74 -28.53 -4.72
C5 GNP D . 0.73 -28.54 -4.72
C6 GNP D . -0.49 -28.94 -4.28
C6 GNP D . -0.50 -28.95 -4.27
O6 GNP D . -0.59 -29.82 -3.45
O6 GNP D . -0.59 -29.82 -3.45
N1 GNP D . -1.60 -28.36 -4.76
N1 GNP D . -1.60 -28.36 -4.76
C2 GNP D . -1.48 -27.36 -5.67
C2 GNP D . -1.48 -27.36 -5.67
N2 GNP D . -2.56 -26.81 -6.06
N2 GNP D . -2.56 -26.81 -6.06
N3 GNP D . -0.30 -26.95 -6.09
N3 GNP D . -0.30 -26.95 -6.09
C4 GNP D . 0.81 -27.52 -5.65
C4 GNP D . 0.81 -27.52 -5.65
#